data_3AKG
#
_entry.id   3AKG
#
_cell.length_a   41.052
_cell.length_b   91.765
_cell.length_c   135.053
_cell.angle_alpha   90.00
_cell.angle_beta   90.00
_cell.angle_gamma   90.00
#
_symmetry.space_group_name_H-M   'P 21 21 21'
#
loop_
_entity.id
_entity.type
_entity.pdbx_description
1 polymer 'Putative secreted alpha L-arabinofuranosidase II'
2 branched alpha-L-arabinofuranose-(1-5)-alpha-L-arabinofuranose
3 non-polymer 'CHLORIDE ION'
4 non-polymer 'SODIUM ION'
5 non-polymer alpha-L-arabinofuranose
6 non-polymer GLYCEROL
7 water water
#
_entity_poly.entity_id   1
_entity_poly.type   'polypeptide(L)'
_entity_poly.pdbx_seq_one_letter_code
;MTAPASPSVTFTNPLAEKRADPHIFKHTDGYYYFTATVPEYDRIVLRRATTLQGLATAPETTIWTKHASGVMGAHIWAPE
IHFIDGKWYVYFAAGSTSDVWAIRMYVLESGAANPLTGSWTEKGQIATPVSSFSLDATTFVVNGVRHLAWAQRNPAEDNN
TSLFIAKMANPWTISGTPTEISQPTLSWETVGYKVNEGPAVIQHGGKVFLTYSASATDANYCLGMLSASASADLLNAASW
TKSSQPVFKTSEATGQYGPGHNSFTVSEDGKSDILVYHDRNYKDISGDPLNDPNRRTRLQKVYWNADGTPNFGIPVADGV
TPVRFSSYNYPDRYIRHWDFRARIEANVTNLADSQFRVVTGLAGSGTISLESANYPGYYLRHKNYEVWVEKNDGSSAFKN
DASFSRRAGLADSADGIAFESYNYPGRYLRHYENLLRIQPVSTALDRQDATFYAEKLAAALEHHHHHH
;
_entity_poly.pdbx_strand_id   A
#
loop_
_chem_comp.id
_chem_comp.type
_chem_comp.name
_chem_comp.formula
AHR L-saccharide, alpha linking alpha-L-arabinofuranose 'C5 H10 O5'
CL non-polymer 'CHLORIDE ION' 'Cl -1'
GOL non-polymer GLYCEROL 'C3 H8 O3'
NA non-polymer 'SODIUM ION' 'Na 1'
#
# COMPACT_ATOMS: atom_id res chain seq x y z
N THR A 10 -3.12 6.02 -12.05
CA THR A 10 -3.29 4.55 -11.85
C THR A 10 -1.94 3.80 -11.96
N PHE A 11 -1.88 2.62 -11.35
CA PHE A 11 -0.69 1.79 -11.36
C PHE A 11 -1.02 0.49 -12.04
N THR A 12 0.02 -0.17 -12.55
CA THR A 12 -0.10 -1.52 -13.09
C THR A 12 0.70 -2.44 -12.19
N ASN A 13 -0.01 -3.36 -11.53
CA ASN A 13 0.57 -4.25 -10.54
C ASN A 13 0.75 -5.66 -11.07
N PRO A 14 1.88 -6.32 -10.72
CA PRO A 14 2.97 -5.84 -9.83
C PRO A 14 3.93 -4.84 -10.43
N LEU A 15 4.57 -4.06 -9.55
CA LEU A 15 5.62 -3.13 -9.96
C LEU A 15 6.89 -3.92 -10.25
N ALA A 16 7.17 -4.89 -9.38
CA ALA A 16 8.43 -5.66 -9.45
C ALA A 16 8.27 -7.03 -8.82
N GLU A 17 8.48 -8.05 -9.65
CA GLU A 17 8.49 -9.44 -9.22
C GLU A 17 9.74 -9.74 -8.39
N LYS A 18 9.61 -10.69 -7.46
CA LYS A 18 10.73 -11.18 -6.62
C LYS A 18 11.44 -10.06 -5.85
N ARG A 19 10.67 -9.04 -5.46
CA ARG A 19 11.22 -8.02 -4.58
C ARG A 19 10.28 -7.86 -3.40
N ALA A 20 10.80 -8.15 -2.21
CA ALA A 20 10.04 -8.07 -0.97
C ALA A 20 10.46 -6.86 -0.11
N ASP A 21 9.63 -6.53 0.88
CA ASP A 21 9.96 -5.45 1.81
C ASP A 21 10.31 -4.14 1.06
N PRO A 22 9.44 -3.72 0.15
CA PRO A 22 9.77 -2.59 -0.72
C PRO A 22 9.81 -1.26 0.04
N HIS A 23 10.80 -0.44 -0.28
CA HIS A 23 10.87 0.90 0.28
C HIS A 23 11.08 1.83 -0.89
N ILE A 24 10.22 2.85 -1.02
CA ILE A 24 10.38 3.86 -2.07
C ILE A 24 10.51 5.21 -1.45
N PHE A 25 11.53 5.97 -1.88
CA PHE A 25 11.78 7.31 -1.37
C PHE A 25 11.76 8.34 -2.51
N LYS A 26 10.87 9.34 -2.40
CA LYS A 26 10.86 10.41 -3.41
C LYS A 26 11.80 11.56 -3.00
N HIS A 27 12.78 11.84 -3.87
CA HIS A 27 13.81 12.84 -3.59
C HIS A 27 13.54 14.17 -4.33
N THR A 28 14.18 15.24 -3.87
CA THR A 28 14.07 16.58 -4.47
C THR A 28 14.71 16.69 -5.86
N ASP A 29 15.38 15.63 -6.32
CA ASP A 29 16.08 15.67 -7.60
C ASP A 29 15.21 15.23 -8.78
N GLY A 30 13.92 15.04 -8.51
CA GLY A 30 12.99 14.62 -9.53
C GLY A 30 12.81 13.11 -9.67
N TYR A 31 13.56 12.32 -8.89
CA TYR A 31 13.50 10.85 -8.95
C TYR A 31 12.89 10.19 -7.72
N TYR A 32 12.25 9.04 -7.96
CA TYR A 32 11.90 8.08 -6.92
C TYR A 32 13.01 7.05 -6.86
N TYR A 33 13.38 6.66 -5.65
CA TYR A 33 14.42 5.67 -5.36
C TYR A 33 13.81 4.46 -4.68
N PHE A 34 14.06 3.29 -5.25
CA PHE A 34 13.38 2.05 -4.84
C PHE A 34 14.41 1.00 -4.46
N THR A 35 14.33 0.54 -3.20
CA THR A 35 15.13 -0.59 -2.74
C THR A 35 14.20 -1.62 -2.12
N ALA A 36 14.71 -2.83 -1.90
CA ALA A 36 13.89 -3.96 -1.49
C ALA A 36 14.78 -5.09 -1.07
N THR A 37 14.21 -6.08 -0.38
CA THR A 37 14.91 -7.33 -0.12
C THR A 37 14.92 -8.22 -1.37
N VAL A 38 16.08 -8.81 -1.68
CA VAL A 38 16.17 -9.73 -2.81
C VAL A 38 16.13 -11.18 -2.30
N PRO A 39 15.70 -12.15 -3.15
CA PRO A 39 15.49 -13.49 -2.58
C PRO A 39 16.71 -14.16 -1.95
N GLU A 40 17.90 -13.90 -2.47
CA GLU A 40 19.16 -14.44 -1.96
C GLU A 40 19.61 -13.81 -0.65
N TYR A 41 18.98 -12.71 -0.23
CA TYR A 41 19.30 -12.04 1.03
C TYR A 41 20.81 -11.74 1.14
N ASP A 42 21.42 -11.29 0.06
CA ASP A 42 22.89 -11.22 0.01
C ASP A 42 23.43 -9.84 -0.36
N ARG A 43 22.53 -8.90 -0.64
CA ARG A 43 22.94 -7.61 -1.16
C ARG A 43 21.82 -6.57 -1.08
N ILE A 44 22.19 -5.32 -1.36
CA ILE A 44 21.25 -4.21 -1.39
C ILE A 44 21.19 -3.63 -2.80
N VAL A 45 20.00 -3.66 -3.41
CA VAL A 45 19.84 -3.13 -4.76
C VAL A 45 19.12 -1.78 -4.73
N LEU A 46 19.28 -1.01 -5.80
CA LEU A 46 18.64 0.28 -5.92
C LEU A 46 18.34 0.58 -7.40
N ARG A 47 17.20 1.20 -7.63
CA ARG A 47 16.88 1.74 -8.93
C ARG A 47 16.18 3.08 -8.72
N ARG A 48 16.04 3.83 -9.81
CA ARG A 48 15.37 5.12 -9.74
C ARG A 48 14.65 5.44 -11.03
N ALA A 49 13.62 6.27 -10.92
CA ALA A 49 12.83 6.68 -12.08
C ALA A 49 12.15 7.98 -11.74
N THR A 50 11.81 8.74 -12.77
CA THR A 50 11.11 10.02 -12.57
C THR A 50 9.66 9.85 -12.16
N THR A 51 9.12 8.65 -12.36
CA THR A 51 7.74 8.37 -11.98
C THR A 51 7.67 7.01 -11.28
N LEU A 52 6.64 6.84 -10.45
CA LEU A 52 6.39 5.55 -9.82
C LEU A 52 6.25 4.41 -10.82
N GLN A 53 5.43 4.62 -11.85
CA GLN A 53 5.27 3.59 -12.89
C GLN A 53 6.57 3.31 -13.64
N GLY A 54 7.41 4.33 -13.79
CA GLY A 54 8.73 4.18 -14.42
C GLY A 54 9.68 3.25 -13.69
N LEU A 55 9.48 3.05 -12.38
CA LEU A 55 10.34 2.14 -11.60
C LEU A 55 10.29 0.71 -12.10
N ALA A 56 9.18 0.33 -12.74
CA ALA A 56 8.98 -1.05 -13.14
C ALA A 56 10.03 -1.53 -14.17
N THR A 57 10.49 -0.62 -15.00
CA THR A 57 11.47 -0.96 -16.04
C THR A 57 12.85 -0.33 -15.78
N ALA A 58 13.01 0.32 -14.63
CA ALA A 58 14.30 0.95 -14.30
C ALA A 58 15.32 -0.10 -13.88
N PRO A 59 16.59 0.02 -14.37
CA PRO A 59 17.58 -1.00 -14.07
C PRO A 59 18.17 -0.88 -12.67
N GLU A 60 18.45 -2.02 -12.05
CA GLU A 60 18.98 -2.05 -10.70
C GLU A 60 20.49 -1.97 -10.70
N THR A 61 21.00 -1.28 -9.70
CA THR A 61 22.42 -1.29 -9.36
C THR A 61 22.53 -2.00 -8.01
N THR A 62 23.52 -2.89 -7.87
CA THR A 62 23.84 -3.38 -6.54
C THR A 62 24.78 -2.38 -5.84
N ILE A 63 24.28 -1.70 -4.81
CA ILE A 63 25.09 -0.69 -4.12
C ILE A 63 25.96 -1.25 -2.99
N TRP A 64 25.60 -2.41 -2.45
CA TRP A 64 26.30 -3.02 -1.32
C TRP A 64 26.06 -4.52 -1.29
N THR A 65 27.12 -5.27 -0.99
CA THR A 65 27.04 -6.74 -0.93
C THR A 65 27.48 -7.25 0.44
N LYS A 66 26.92 -8.38 0.87
CA LYS A 66 27.26 -8.93 2.19
C LYS A 66 28.75 -9.18 2.31
N HIS A 67 29.23 -9.12 3.54
CA HIS A 67 30.62 -9.41 3.88
C HIS A 67 30.88 -10.89 3.74
N ALA A 68 32.10 -11.24 3.31
CA ALA A 68 32.49 -12.65 3.16
C ALA A 68 32.55 -13.41 4.49
N SER A 69 32.88 -12.71 5.56
CA SER A 69 32.89 -13.30 6.89
C SER A 69 32.57 -12.27 7.98
N GLY A 70 31.97 -12.73 9.06
CA GLY A 70 31.68 -11.87 10.20
C GLY A 70 30.30 -11.23 10.11
N VAL A 71 30.14 -10.12 10.83
CA VAL A 71 28.86 -9.38 10.85
C VAL A 71 28.53 -8.81 9.48
N MET A 72 27.26 -8.46 9.25
CA MET A 72 26.80 -8.03 7.93
C MET A 72 27.13 -9.07 6.86
N GLY A 73 27.05 -10.34 7.22
CA GLY A 73 27.45 -11.43 6.33
C GLY A 73 26.39 -12.44 5.91
N ALA A 74 25.14 -12.22 6.32
CA ALA A 74 24.02 -13.13 5.99
C ALA A 74 22.69 -12.43 6.22
N HIS A 75 21.64 -12.94 5.59
CA HIS A 75 20.29 -12.40 5.78
C HIS A 75 20.26 -10.89 5.71
N ILE A 76 20.70 -10.36 4.58
CA ILE A 76 20.58 -8.93 4.28
C ILE A 76 19.10 -8.66 4.02
N TRP A 77 18.43 -8.02 4.98
CA TRP A 77 16.99 -7.88 4.93
C TRP A 77 16.51 -6.43 5.04
N ALA A 78 15.52 -6.11 4.21
CA ALA A 78 14.63 -4.95 4.39
C ALA A 78 15.35 -3.60 4.40
N PRO A 79 16.09 -3.29 3.34
CA PRO A 79 16.72 -1.97 3.28
C PRO A 79 15.69 -0.83 3.12
N GLU A 80 15.98 0.32 3.73
CA GLU A 80 15.25 1.56 3.43
C GLU A 80 16.25 2.64 3.08
N ILE A 81 15.89 3.50 2.14
CA ILE A 81 16.80 4.60 1.78
C ILE A 81 16.16 5.94 2.14
N HIS A 82 16.94 6.79 2.82
CA HIS A 82 16.48 8.09 3.25
C HIS A 82 17.54 9.15 2.94
N PHE A 83 17.10 10.38 2.71
CA PHE A 83 18.01 11.51 2.55
C PHE A 83 17.87 12.39 3.79
N ILE A 84 18.96 12.54 4.54
CA ILE A 84 18.92 13.28 5.80
C ILE A 84 20.13 14.21 5.88
N ASP A 85 19.84 15.49 6.15
CA ASP A 85 20.88 16.52 6.32
C ASP A 85 21.95 16.41 5.26
N GLY A 86 21.51 16.40 4.01
CA GLY A 86 22.41 16.44 2.87
C GLY A 86 23.13 15.17 2.47
N LYS A 87 22.82 14.05 3.13
CA LYS A 87 23.44 12.76 2.78
C LYS A 87 22.38 11.63 2.69
N TRP A 88 22.73 10.57 1.97
CA TRP A 88 21.92 9.35 1.87
C TRP A 88 22.23 8.39 2.99
N TYR A 89 21.19 7.75 3.53
CA TYR A 89 21.36 6.72 4.55
C TYR A 89 20.54 5.52 4.15
N VAL A 90 21.14 4.35 4.25
CA VAL A 90 20.41 3.10 4.04
C VAL A 90 20.37 2.32 5.35
N TYR A 91 19.15 1.93 5.77
CA TYR A 91 18.97 1.18 7.02
C TYR A 91 18.64 -0.23 6.65
N PHE A 92 19.35 -1.19 7.21
CA PHE A 92 19.09 -2.59 6.86
C PHE A 92 19.41 -3.47 8.04
N ALA A 93 19.10 -4.76 7.90
CA ALA A 93 19.33 -5.71 8.96
C ALA A 93 20.21 -6.83 8.38
N ALA A 94 20.98 -7.46 9.26
CA ALA A 94 21.90 -8.53 8.85
C ALA A 94 22.35 -9.38 10.01
N GLY A 95 22.53 -10.66 9.73
CA GLY A 95 23.15 -11.57 10.69
C GLY A 95 24.63 -11.74 10.36
N SER A 96 25.28 -12.68 11.05
CA SER A 96 26.72 -12.95 10.85
C SER A 96 26.96 -14.27 10.09
N THR A 97 28.13 -14.43 9.46
CA THR A 97 28.45 -15.70 8.81
C THR A 97 28.55 -16.81 9.85
N SER A 98 29.11 -16.47 11.02
CA SER A 98 29.18 -17.42 12.14
C SER A 98 27.84 -17.64 12.85
N ASP A 99 26.99 -16.62 12.91
CA ASP A 99 25.63 -16.79 13.42
C ASP A 99 24.61 -16.07 12.53
N VAL A 100 24.09 -16.80 11.54
CA VAL A 100 23.22 -16.21 10.53
C VAL A 100 21.90 -15.65 11.08
N TRP A 101 21.50 -16.09 12.28
CA TRP A 101 20.26 -15.59 12.90
C TRP A 101 20.45 -14.53 14.00
N ALA A 102 21.70 -14.11 14.22
CA ALA A 102 22.00 -13.01 15.12
C ALA A 102 21.83 -11.69 14.36
N ILE A 103 20.59 -11.43 13.96
CA ILE A 103 20.25 -10.26 13.12
C ILE A 103 20.28 -9.00 13.96
N ARG A 104 20.98 -7.99 13.43
CA ARG A 104 21.04 -6.65 14.03
C ARG A 104 20.83 -5.59 12.95
N MET A 105 20.73 -4.33 13.37
CA MET A 105 20.41 -3.21 12.49
C MET A 105 21.69 -2.47 12.12
N TYR A 106 21.87 -2.22 10.84
CA TYR A 106 23.06 -1.51 10.34
C TYR A 106 22.69 -0.30 9.46
N VAL A 107 23.64 0.64 9.29
CA VAL A 107 23.43 1.85 8.48
C VAL A 107 24.58 2.05 7.49
N LEU A 108 24.25 2.44 6.27
CA LEU A 108 25.24 2.93 5.27
C LEU A 108 25.02 4.40 5.04
N GLU A 109 26.08 5.13 4.70
CA GLU A 109 26.00 6.56 4.44
C GLU A 109 26.66 6.87 3.09
N SER A 110 26.08 7.78 2.32
CA SER A 110 26.75 8.32 1.12
C SER A 110 26.53 9.81 0.99
N GLY A 111 27.62 10.54 0.74
CA GLY A 111 27.55 11.95 0.40
C GLY A 111 27.31 12.27 -1.07
N ALA A 112 27.34 11.26 -1.94
CA ALA A 112 27.09 11.42 -3.38
C ALA A 112 25.71 11.97 -3.71
N ALA A 113 25.65 12.72 -4.82
CA ALA A 113 24.38 13.23 -5.33
C ALA A 113 23.50 12.09 -5.81
N ASN A 114 24.12 11.17 -6.53
CA ASN A 114 23.43 10.03 -7.12
C ASN A 114 23.78 8.80 -6.31
N PRO A 115 22.81 8.27 -5.52
CA PRO A 115 23.16 7.14 -4.65
C PRO A 115 23.40 5.84 -5.41
N LEU A 116 22.97 5.78 -6.68
CA LEU A 116 23.24 4.63 -7.53
C LEU A 116 24.74 4.45 -7.84
N THR A 117 25.42 5.57 -8.06
CA THR A 117 26.82 5.51 -8.51
C THR A 117 27.81 5.89 -7.41
N GLY A 118 27.28 6.50 -6.34
CA GLY A 118 28.08 6.95 -5.21
C GLY A 118 28.73 5.84 -4.40
N SER A 119 29.68 6.22 -3.56
CA SER A 119 30.35 5.25 -2.71
C SER A 119 29.74 5.30 -1.31
N TRP A 120 29.68 4.14 -0.65
CA TRP A 120 28.98 4.00 0.64
C TRP A 120 29.92 3.68 1.78
N THR A 121 29.67 4.31 2.92
CA THR A 121 30.44 4.03 4.13
C THR A 121 29.56 3.29 5.13
N GLU A 122 30.11 2.24 5.74
CA GLU A 122 29.41 1.53 6.80
C GLU A 122 29.49 2.29 8.11
N LYS A 123 28.34 2.71 8.63
CA LYS A 123 28.33 3.49 9.87
C LYS A 123 28.18 2.57 11.10
N GLY A 124 28.05 1.28 10.83
CA GLY A 124 28.05 0.26 11.86
C GLY A 124 26.67 -0.10 12.36
N GLN A 125 26.65 -0.83 13.46
CA GLN A 125 25.40 -1.29 14.05
C GLN A 125 24.74 -0.17 14.82
N ILE A 126 23.42 -0.08 14.71
CA ILE A 126 22.67 0.84 15.55
C ILE A 126 22.59 0.17 16.93
N ALA A 127 23.27 0.76 17.91
CA ALA A 127 23.33 0.23 19.26
C ALA A 127 21.99 0.39 19.96
N THR A 128 21.57 -0.66 20.67
CA THR A 128 20.38 -0.60 21.52
C THR A 128 20.77 -1.15 22.90
N PRO A 129 20.07 -0.72 23.97
CA PRO A 129 20.31 -1.20 25.35
C PRO A 129 20.35 -2.73 25.47
N VAL A 130 19.39 -3.41 24.85
CA VAL A 130 19.33 -4.87 24.84
C VAL A 130 20.01 -5.47 23.60
N SER A 131 20.75 -6.56 23.80
CA SER A 131 21.42 -7.25 22.70
C SER A 131 20.57 -8.42 22.25
N SER A 132 19.75 -8.21 21.23
CA SER A 132 18.83 -9.22 20.76
C SER A 132 18.43 -8.97 19.30
N PHE A 133 17.85 -10.01 18.69
CA PHE A 133 17.30 -9.99 17.33
C PHE A 133 16.57 -8.66 17.03
N SER A 134 17.06 -7.93 16.03
CA SER A 134 16.57 -6.57 15.72
C SER A 134 16.61 -6.35 14.23
N LEU A 135 15.59 -5.69 13.69
CA LEU A 135 15.48 -5.52 12.25
C LEU A 135 14.42 -4.47 11.92
N ASP A 136 14.33 -4.11 10.64
CA ASP A 136 13.28 -3.26 10.10
C ASP A 136 13.33 -1.84 10.66
N ALA A 137 14.54 -1.33 10.90
CA ALA A 137 14.67 0.11 11.25
C ALA A 137 14.10 1.04 10.19
N THR A 138 13.33 2.02 10.68
CA THR A 138 12.83 3.10 9.84
C THR A 138 12.99 4.43 10.59
N THR A 139 13.09 5.51 9.85
CA THR A 139 13.21 6.83 10.46
C THR A 139 12.22 7.80 9.85
N PHE A 140 11.78 8.76 10.66
CA PHE A 140 10.74 9.74 10.29
C PHE A 140 10.79 10.93 11.27
N VAL A 141 10.23 12.07 10.89
CA VAL A 141 10.27 13.26 11.74
C VAL A 141 8.85 13.67 12.09
N VAL A 142 8.59 13.89 13.38
CA VAL A 142 7.27 14.35 13.86
C VAL A 142 7.42 15.50 14.84
N ASN A 143 6.70 16.60 14.57
CA ASN A 143 6.76 17.82 15.38
C ASN A 143 8.22 18.26 15.57
N GLY A 144 8.96 18.30 14.47
CA GLY A 144 10.36 18.72 14.47
C GLY A 144 11.41 17.75 15.00
N VAL A 145 11.00 16.57 15.42
CA VAL A 145 11.88 15.61 16.09
C VAL A 145 12.06 14.31 15.28
N ARG A 146 13.30 13.98 14.92
CA ARG A 146 13.56 12.71 14.22
C ARG A 146 13.53 11.53 15.17
N HIS A 147 12.77 10.49 14.79
CA HIS A 147 12.66 9.27 15.55
C HIS A 147 13.17 8.06 14.74
N LEU A 148 13.51 6.99 15.44
CA LEU A 148 13.75 5.70 14.84
C LEU A 148 12.68 4.77 15.39
N ALA A 149 12.09 3.95 14.53
CA ALA A 149 11.23 2.85 14.98
C ALA A 149 11.76 1.56 14.38
N TRP A 150 11.63 0.45 15.11
CA TRP A 150 12.16 -0.82 14.63
C TRP A 150 11.49 -1.99 15.32
N ALA A 151 11.85 -3.20 14.89
CA ALA A 151 11.35 -4.44 15.49
C ALA A 151 12.49 -5.08 16.27
N GLN A 152 12.24 -5.48 17.51
CA GLN A 152 13.30 -6.12 18.29
C GLN A 152 12.70 -7.08 19.33
N ARG A 153 13.41 -8.18 19.58
CA ARG A 153 13.02 -9.14 20.61
C ARG A 153 13.20 -8.53 22.00
N ASN A 154 12.10 -8.38 22.72
CA ASN A 154 12.17 -8.19 24.15
C ASN A 154 12.39 -9.60 24.74
N PRO A 155 13.57 -9.84 25.33
CA PRO A 155 13.94 -11.20 25.75
C PRO A 155 13.00 -11.77 26.81
N ALA A 156 12.40 -10.89 27.61
CA ALA A 156 11.49 -11.27 28.70
C ALA A 156 10.11 -11.65 28.19
N GLU A 157 9.86 -11.46 26.88
CA GLU A 157 8.60 -11.86 26.27
C GLU A 157 8.79 -13.13 25.45
N ASP A 158 7.74 -13.95 25.39
CA ASP A 158 7.77 -15.21 24.65
C ASP A 158 7.27 -15.04 23.21
N ASN A 159 8.07 -14.40 22.37
CA ASN A 159 7.65 -14.08 20.99
C ASN A 159 8.86 -13.87 20.07
N ASN A 160 8.64 -13.33 18.87
CA ASN A 160 9.74 -13.09 17.95
C ASN A 160 10.26 -11.65 18.08
N THR A 161 9.39 -10.66 17.82
CA THR A 161 9.78 -9.26 17.88
C THR A 161 8.60 -8.39 18.31
N SER A 162 8.93 -7.30 18.98
CA SER A 162 7.98 -6.25 19.30
C SER A 162 8.45 -4.94 18.67
N LEU A 163 7.60 -3.91 18.74
CA LEU A 163 7.92 -2.59 18.14
C LEU A 163 8.46 -1.61 19.15
N PHE A 164 9.54 -0.94 18.75
CA PHE A 164 10.21 0.05 19.58
C PHE A 164 10.35 1.37 18.85
N ILE A 165 10.36 2.43 19.64
CA ILE A 165 10.59 3.78 19.16
C ILE A 165 11.61 4.50 20.05
N ALA A 166 12.41 5.37 19.43
CA ALA A 166 13.36 6.22 20.15
C ALA A 166 13.64 7.51 19.40
N LYS A 167 14.08 8.54 20.13
CA LYS A 167 14.70 9.70 19.51
C LYS A 167 16.08 9.33 18.93
N MET A 168 16.60 10.18 18.03
CA MET A 168 17.91 9.98 17.41
C MET A 168 18.89 11.13 17.67
N ALA A 169 20.15 10.78 17.92
CA ALA A 169 21.24 11.78 18.00
C ALA A 169 21.74 12.16 16.60
N ASN A 170 21.84 11.16 15.73
CA ASN A 170 22.24 11.33 14.35
C ASN A 170 21.62 10.13 13.60
N PRO A 171 21.80 10.07 12.27
CA PRO A 171 21.06 9.02 11.55
C PRO A 171 21.43 7.57 11.88
N TRP A 172 22.52 7.34 12.62
CA TRP A 172 22.89 5.97 12.97
C TRP A 172 22.95 5.67 14.46
N THR A 173 22.45 6.61 15.27
CA THR A 173 22.55 6.52 16.72
C THR A 173 21.29 7.02 17.39
N ILE A 174 20.72 6.21 18.27
CA ILE A 174 19.57 6.66 19.05
C ILE A 174 20.01 7.53 20.22
N SER A 175 19.14 8.45 20.65
CA SER A 175 19.41 9.22 21.86
C SER A 175 18.39 8.85 22.93
N GLY A 176 18.85 8.79 24.18
CA GLY A 176 18.00 8.36 25.28
C GLY A 176 17.60 6.90 25.21
N THR A 177 16.43 6.57 25.75
CA THR A 177 16.03 5.18 25.85
C THR A 177 14.81 4.85 24.97
N PRO A 178 14.77 3.62 24.42
CA PRO A 178 13.62 3.22 23.58
C PRO A 178 12.36 3.04 24.41
N THR A 179 11.20 3.08 23.73
CA THR A 179 9.95 2.61 24.33
C THR A 179 9.39 1.48 23.49
N GLU A 180 8.99 0.39 24.14
CA GLU A 180 8.21 -0.64 23.47
C GLU A 180 6.77 -0.16 23.33
N ILE A 181 6.32 0.01 22.08
CA ILE A 181 4.97 0.55 21.84
C ILE A 181 3.94 -0.48 21.36
N SER A 182 4.36 -1.70 21.05
CA SER A 182 3.45 -2.77 20.64
C SER A 182 4.12 -4.14 20.74
N GLN A 183 3.36 -5.13 21.18
CA GLN A 183 3.84 -6.50 21.20
C GLN A 183 2.78 -7.42 20.59
N PRO A 184 3.19 -8.52 19.92
CA PRO A 184 2.22 -9.36 19.24
C PRO A 184 1.43 -10.24 20.22
N THR A 185 0.17 -9.87 20.46
CA THR A 185 -0.69 -10.65 21.36
C THR A 185 -2.03 -11.03 20.74
N LEU A 186 -2.49 -10.29 19.71
CA LEU A 186 -3.81 -10.60 19.12
C LEU A 186 -3.78 -11.84 18.22
N SER A 187 -4.92 -12.52 18.08
CA SER A 187 -4.96 -13.78 17.31
C SER A 187 -4.35 -13.66 15.90
N TRP A 188 -4.62 -12.55 15.22
CA TRP A 188 -4.13 -12.34 13.85
C TRP A 188 -2.66 -11.86 13.79
N GLU A 189 -2.05 -11.64 14.96
CA GLU A 189 -0.63 -11.23 15.08
C GLU A 189 0.27 -12.41 15.38
N THR A 190 -0.34 -13.54 15.72
CA THR A 190 0.40 -14.66 16.29
C THR A 190 0.27 -15.97 15.49
N VAL A 191 -0.06 -15.89 14.22
CA VAL A 191 -0.17 -17.10 13.39
C VAL A 191 1.22 -17.49 12.92
N GLY A 192 1.64 -18.70 13.34
CA GLY A 192 2.94 -19.29 12.96
C GLY A 192 4.04 -18.82 13.88
N TYR A 193 4.23 -17.50 13.90
CA TYR A 193 5.12 -16.84 14.86
C TYR A 193 4.45 -15.60 15.40
N LYS A 194 4.82 -15.23 16.61
CA LYS A 194 4.26 -14.04 17.26
C LYS A 194 5.17 -12.88 16.89
N VAL A 195 4.73 -12.10 15.91
CA VAL A 195 5.53 -11.06 15.28
C VAL A 195 4.82 -9.71 15.19
N ASN A 196 5.52 -8.64 15.60
CA ASN A 196 5.28 -7.30 15.05
C ASN A 196 6.60 -6.88 14.38
N GLU A 197 6.55 -6.53 13.11
CA GLU A 197 7.78 -6.09 12.39
C GLU A 197 7.43 -5.02 11.35
N GLY A 198 8.43 -4.58 10.58
CA GLY A 198 8.18 -3.63 9.50
C GLY A 198 7.41 -2.35 9.82
N PRO A 199 7.78 -1.62 10.89
CA PRO A 199 7.06 -0.36 11.18
C PRO A 199 7.19 0.63 10.01
N ALA A 200 6.15 1.44 9.77
CA ALA A 200 6.18 2.46 8.72
C ALA A 200 5.24 3.56 9.17
N VAL A 201 5.64 4.82 8.97
CA VAL A 201 4.89 5.96 9.51
C VAL A 201 4.36 6.86 8.41
N ILE A 202 3.09 7.20 8.49
CA ILE A 202 2.49 8.20 7.63
C ILE A 202 1.76 9.23 8.51
N GLN A 203 1.85 10.50 8.12
CA GLN A 203 1.23 11.57 8.90
C GLN A 203 0.14 12.24 8.08
N HIS A 204 -0.96 12.61 8.72
CA HIS A 204 -2.06 13.29 8.02
C HIS A 204 -2.89 14.04 9.04
N GLY A 205 -3.15 15.32 8.76
CA GLY A 205 -4.09 16.13 9.57
C GLY A 205 -3.75 16.16 11.05
N GLY A 206 -2.47 16.27 11.35
CA GLY A 206 -2.01 16.32 12.75
C GLY A 206 -2.11 15.02 13.53
N LYS A 207 -2.25 13.91 12.79
CA LYS A 207 -2.23 12.57 13.39
C LYS A 207 -1.08 11.78 12.80
N VAL A 208 -0.58 10.81 13.55
CA VAL A 208 0.51 9.96 13.07
C VAL A 208 0.01 8.51 13.08
N PHE A 209 0.19 7.81 11.97
CA PHE A 209 -0.22 6.41 11.89
C PHE A 209 1.00 5.54 11.64
N LEU A 210 1.19 4.56 12.50
CA LEU A 210 2.32 3.68 12.36
C LEU A 210 1.78 2.30 12.01
N THR A 211 1.92 1.93 10.74
CA THR A 211 1.51 0.60 10.30
C THR A 211 2.66 -0.38 10.59
N TYR A 212 2.36 -1.66 10.67
CA TYR A 212 3.37 -2.67 10.98
C TYR A 212 2.85 -4.02 10.49
N SER A 213 3.74 -4.99 10.37
CA SER A 213 3.34 -6.29 9.80
C SER A 213 3.30 -7.32 10.91
N ALA A 214 2.42 -8.29 10.79
CA ALA A 214 2.25 -9.26 11.86
C ALA A 214 2.01 -10.67 11.35
N SER A 215 2.28 -11.65 12.23
CA SER A 215 2.25 -13.09 11.93
C SER A 215 3.41 -13.50 10.99
N ALA A 216 3.48 -14.79 10.65
CA ALA A 216 4.45 -15.31 9.67
C ALA A 216 4.29 -14.75 8.27
N THR A 217 5.35 -14.87 7.48
CA THR A 217 5.38 -14.33 6.12
C THR A 217 4.72 -15.22 5.05
N ASP A 218 3.71 -16.00 5.45
CA ASP A 218 2.90 -16.74 4.48
C ASP A 218 1.60 -15.97 4.23
N ALA A 219 0.53 -16.66 3.85
CA ALA A 219 -0.74 -15.98 3.61
C ALA A 219 -1.29 -15.25 4.83
N ASN A 220 -0.85 -15.61 6.03
CA ASN A 220 -1.39 -14.97 7.24
C ASN A 220 -0.77 -13.60 7.56
N TYR A 221 0.26 -13.24 6.78
CA TYR A 221 0.92 -11.92 6.95
C TYR A 221 -0.12 -10.83 6.73
N CYS A 222 -0.06 -9.77 7.53
CA CYS A 222 -1.02 -8.68 7.40
C CYS A 222 -0.46 -7.41 8.00
N LEU A 223 -1.21 -6.29 7.87
CA LEU A 223 -0.83 -5.07 8.53
C LEU A 223 -1.74 -4.75 9.70
N GLY A 224 -1.13 -4.41 10.82
CA GLY A 224 -1.82 -3.72 11.91
C GLY A 224 -1.46 -2.24 11.90
N MET A 225 -1.97 -1.48 12.87
CA MET A 225 -1.71 -0.04 12.93
C MET A 225 -1.78 0.50 14.35
N LEU A 226 -0.87 1.44 14.66
CA LEU A 226 -0.93 2.24 15.88
C LEU A 226 -1.24 3.67 15.47
N SER A 227 -2.07 4.35 16.25
CA SER A 227 -2.40 5.74 15.99
C SER A 227 -2.10 6.63 17.18
N ALA A 228 -1.63 7.83 16.87
CA ALA A 228 -1.29 8.87 17.85
C ALA A 228 -1.49 10.27 17.30
N SER A 229 -1.57 11.26 18.20
CA SER A 229 -1.56 12.66 17.77
C SER A 229 -0.13 13.11 17.49
N ALA A 230 0.06 13.94 16.47
CA ALA A 230 1.38 14.49 16.11
C ALA A 230 1.98 15.39 17.19
N SER A 231 1.14 15.89 18.10
CA SER A 231 1.64 16.73 19.19
C SER A 231 1.91 15.94 20.47
N ALA A 232 1.64 14.63 20.45
CA ALA A 232 1.86 13.79 21.62
C ALA A 232 3.33 13.39 21.80
N ASP A 233 3.64 12.93 23.01
CA ASP A 233 4.94 12.31 23.32
C ASP A 233 4.92 10.90 22.78
N LEU A 234 5.58 10.70 21.64
CA LEU A 234 5.53 9.40 20.96
C LEU A 234 6.31 8.32 21.70
N LEU A 235 7.17 8.75 22.63
CA LEU A 235 7.89 7.83 23.51
C LEU A 235 7.07 7.41 24.74
N ASN A 236 5.87 7.94 24.87
CA ASN A 236 4.96 7.45 25.90
C ASN A 236 4.03 6.43 25.26
N ALA A 237 4.11 5.18 25.71
CA ALA A 237 3.31 4.11 25.12
C ALA A 237 1.82 4.44 25.10
N ALA A 238 1.37 5.26 26.06
CA ALA A 238 -0.04 5.68 26.19
C ALA A 238 -0.51 6.58 25.06
N SER A 239 0.42 7.13 24.30
CA SER A 239 0.08 8.01 23.17
C SER A 239 -0.47 7.21 21.98
N TRP A 240 -0.20 5.90 22.01
CA TRP A 240 -0.51 5.02 20.89
C TRP A 240 -1.70 4.09 21.12
N THR A 241 -2.64 4.09 20.18
CA THR A 241 -3.79 3.16 20.17
C THR A 241 -3.63 2.10 19.07
N LYS A 242 -3.73 0.84 19.46
CA LYS A 242 -3.56 -0.28 18.53
C LYS A 242 -4.91 -0.67 17.92
N SER A 243 -4.98 -0.74 16.59
CA SER A 243 -6.20 -1.22 15.90
C SER A 243 -6.53 -2.68 16.26
N SER A 244 -7.80 -2.98 16.50
CA SER A 244 -8.22 -4.30 16.98
C SER A 244 -8.19 -5.40 15.94
N GLN A 245 -8.27 -4.99 14.67
CA GLN A 245 -8.24 -5.91 13.55
C GLN A 245 -7.25 -5.39 12.55
N PRO A 246 -6.76 -6.27 11.66
CA PRO A 246 -5.83 -5.81 10.62
C PRO A 246 -6.40 -4.67 9.81
N VAL A 247 -5.52 -3.73 9.45
CA VAL A 247 -5.90 -2.67 8.53
C VAL A 247 -5.67 -3.06 7.06
N PHE A 248 -5.02 -4.20 6.81
CA PHE A 248 -4.76 -4.66 5.47
C PHE A 248 -4.47 -6.14 5.61
N LYS A 249 -5.14 -6.98 4.83
CA LYS A 249 -4.97 -8.43 4.96
C LYS A 249 -5.32 -9.14 3.64
N THR A 250 -5.03 -10.45 3.58
CA THR A 250 -5.34 -11.28 2.43
C THR A 250 -6.74 -11.04 1.91
N SER A 251 -6.86 -10.95 0.58
CA SER A 251 -8.17 -11.01 -0.09
C SER A 251 -8.18 -12.21 -1.05
N GLU A 252 -8.84 -13.29 -0.64
CA GLU A 252 -9.03 -14.43 -1.55
C GLU A 252 -9.72 -14.01 -2.86
N ALA A 253 -10.68 -13.08 -2.77
CA ALA A 253 -11.42 -12.63 -3.94
C ALA A 253 -10.54 -12.00 -5.02
N THR A 254 -9.54 -11.19 -4.61
CA THR A 254 -8.65 -10.58 -5.58
C THR A 254 -7.36 -11.39 -5.76
N GLY A 255 -7.26 -12.52 -5.08
CA GLY A 255 -6.12 -13.44 -5.24
C GLY A 255 -4.82 -12.85 -4.71
N GLN A 256 -4.92 -12.07 -3.64
CA GLN A 256 -3.74 -11.43 -3.03
C GLN A 256 -3.51 -11.95 -1.62
N TYR A 257 -2.35 -12.55 -1.39
CA TYR A 257 -2.08 -13.30 -0.16
C TYR A 257 -0.90 -12.78 0.66
N GLY A 258 -1.15 -12.62 1.95
CA GLY A 258 -0.16 -12.16 2.94
C GLY A 258 0.43 -10.79 2.60
N PRO A 259 -0.44 -9.77 2.38
CA PRO A 259 0.10 -8.42 2.13
C PRO A 259 0.79 -7.83 3.36
N GLY A 260 1.92 -7.18 3.15
CA GLY A 260 2.59 -6.55 4.27
C GLY A 260 3.94 -5.93 3.94
N HIS A 261 4.70 -5.74 5.03
CA HIS A 261 5.94 -4.99 5.09
C HIS A 261 5.91 -3.76 4.19
N ASN A 262 5.12 -2.79 4.61
CA ASN A 262 4.84 -1.68 3.71
C ASN A 262 5.75 -0.48 3.96
N SER A 263 5.73 0.43 2.99
CA SER A 263 6.24 1.77 3.17
C SER A 263 5.20 2.72 2.57
N PHE A 264 5.48 4.02 2.61
CA PHE A 264 4.57 4.99 2.03
C PHE A 264 5.39 5.94 1.18
N THR A 265 4.83 6.32 0.05
CA THR A 265 5.42 7.39 -0.75
C THR A 265 4.29 8.29 -1.23
N VAL A 266 4.56 9.12 -2.23
CA VAL A 266 3.56 10.08 -2.70
C VAL A 266 3.52 10.08 -4.22
N SER A 267 2.37 10.46 -4.79
CA SER A 267 2.20 10.58 -6.24
C SER A 267 3.05 11.70 -6.82
N GLU A 268 3.06 11.78 -8.14
CA GLU A 268 3.89 12.73 -8.87
C GLU A 268 3.64 14.18 -8.44
N ASP A 269 2.36 14.56 -8.27
CA ASP A 269 2.01 15.91 -7.81
C ASP A 269 2.15 16.14 -6.29
N GLY A 270 2.42 15.07 -5.55
CA GLY A 270 2.56 15.15 -4.09
C GLY A 270 1.25 15.18 -3.33
N LYS A 271 0.14 15.06 -4.07
CA LYS A 271 -1.21 15.23 -3.51
C LYS A 271 -1.84 13.92 -3.01
N SER A 272 -1.28 12.78 -3.41
CA SER A 272 -1.84 11.48 -3.06
C SER A 272 -0.79 10.63 -2.35
N ASP A 273 -1.17 10.07 -1.21
CA ASP A 273 -0.30 9.12 -0.51
C ASP A 273 -0.45 7.74 -1.13
N ILE A 274 0.68 7.05 -1.26
CA ILE A 274 0.74 5.76 -1.95
C ILE A 274 1.25 4.68 -1.00
N LEU A 275 0.49 3.59 -0.90
CA LEU A 275 0.89 2.43 -0.09
C LEU A 275 1.75 1.51 -0.92
N VAL A 276 2.94 1.23 -0.42
CA VAL A 276 3.92 0.38 -1.11
C VAL A 276 4.07 -0.91 -0.27
N TYR A 277 3.80 -2.07 -0.86
CA TYR A 277 3.84 -3.29 -0.07
C TYR A 277 4.14 -4.52 -0.93
N HIS A 278 4.23 -5.67 -0.30
CA HIS A 278 4.37 -6.89 -1.07
C HIS A 278 3.29 -7.87 -0.76
N ASP A 279 3.11 -8.84 -1.65
CA ASP A 279 2.30 -10.03 -1.36
C ASP A 279 2.67 -11.15 -2.33
N ARG A 280 1.96 -12.27 -2.24
CA ARG A 280 2.02 -13.29 -3.28
C ARG A 280 0.66 -13.40 -3.99
N ASN A 281 0.66 -13.92 -5.21
CA ASN A 281 -0.61 -14.16 -5.94
C ASN A 281 -1.12 -15.60 -5.86
N TYR A 282 -0.61 -16.35 -4.88
CA TYR A 282 -1.11 -17.68 -4.57
C TYR A 282 -1.01 -17.88 -3.06
N LYS A 283 -1.83 -18.79 -2.53
CA LYS A 283 -1.93 -18.96 -1.08
C LYS A 283 -0.91 -19.91 -0.51
N ASP A 284 -0.86 -21.13 -1.04
CA ASP A 284 -0.09 -22.16 -0.37
C ASP A 284 1.31 -22.22 -0.89
N ILE A 285 2.23 -22.40 0.05
CA ILE A 285 3.65 -22.25 -0.20
C ILE A 285 4.34 -23.59 -0.01
N SER A 286 5.20 -23.96 -0.96
CA SER A 286 6.04 -25.13 -0.78
C SER A 286 7.14 -24.82 0.25
N GLY A 287 7.20 -25.63 1.31
CA GLY A 287 8.27 -25.60 2.31
C GLY A 287 8.21 -24.43 3.28
N ASP A 288 9.38 -23.93 3.64
CA ASP A 288 9.55 -22.78 4.53
C ASP A 288 9.36 -21.46 3.75
N PRO A 289 8.41 -20.60 4.22
CA PRO A 289 8.16 -19.32 3.53
C PRO A 289 9.41 -18.47 3.26
N LEU A 290 10.40 -18.50 4.16
CA LEU A 290 11.59 -17.66 3.93
C LEU A 290 12.42 -18.12 2.74
N ASN A 291 12.23 -19.37 2.32
CA ASN A 291 12.88 -19.87 1.09
C ASN A 291 12.02 -19.75 -0.16
N ASP A 292 10.82 -19.18 -0.01
CA ASP A 292 9.95 -18.96 -1.14
C ASP A 292 10.24 -17.55 -1.67
N PRO A 293 10.66 -17.43 -2.94
CA PRO A 293 11.15 -16.16 -3.46
C PRO A 293 10.12 -15.24 -4.11
N ASN A 294 8.84 -15.60 -4.07
CA ASN A 294 7.87 -15.02 -5.00
C ASN A 294 7.07 -13.78 -4.56
N ARG A 295 7.39 -13.23 -3.40
CA ARG A 295 6.80 -11.96 -2.98
C ARG A 295 7.14 -10.89 -4.01
N ARG A 296 6.14 -10.11 -4.39
CA ARG A 296 6.33 -9.06 -5.37
C ARG A 296 5.85 -7.74 -4.81
N THR A 297 6.42 -6.66 -5.33
CA THR A 297 6.10 -5.32 -4.87
C THR A 297 4.93 -4.76 -5.63
N ARG A 298 4.02 -4.12 -4.90
CA ARG A 298 2.77 -3.53 -5.44
C ARG A 298 2.52 -2.13 -4.90
N LEU A 299 1.70 -1.36 -5.61
CA LEU A 299 1.39 0.02 -5.25
C LEU A 299 -0.12 0.26 -5.33
N GLN A 300 -0.66 0.96 -4.35
CA GLN A 300 -2.04 1.45 -4.47
C GLN A 300 -2.26 2.71 -3.64
N LYS A 301 -3.14 3.59 -4.11
CA LYS A 301 -3.38 4.86 -3.43
C LYS A 301 -4.02 4.63 -2.06
N VAL A 302 -3.61 5.41 -1.06
CA VAL A 302 -4.29 5.48 0.25
C VAL A 302 -5.41 6.50 0.12
N TYR A 303 -6.62 6.16 0.61
CA TYR A 303 -7.72 7.11 0.62
C TYR A 303 -7.95 7.52 2.06
N TRP A 304 -8.29 8.79 2.30
CA TRP A 304 -8.41 9.26 3.67
C TRP A 304 -9.89 9.33 4.01
N ASN A 305 -10.25 8.67 5.11
CA ASN A 305 -11.62 8.70 5.63
C ASN A 305 -11.94 10.10 6.14
N ALA A 306 -13.24 10.43 6.19
CA ALA A 306 -13.70 11.71 6.75
C ALA A 306 -13.21 11.94 8.16
N ASP A 307 -13.02 10.85 8.92
CA ASP A 307 -12.61 10.92 10.33
C ASP A 307 -11.09 11.09 10.49
N GLY A 308 -10.39 11.20 9.38
CA GLY A 308 -8.95 11.52 9.39
C GLY A 308 -8.02 10.32 9.42
N THR A 309 -8.60 9.13 9.41
CA THR A 309 -7.83 7.88 9.42
C THR A 309 -7.60 7.40 8.00
N PRO A 310 -6.51 6.65 7.78
CA PRO A 310 -6.25 6.12 6.44
C PRO A 310 -7.15 4.92 6.12
N ASN A 311 -7.51 4.80 4.86
CA ASN A 311 -8.27 3.64 4.40
C ASN A 311 -7.46 2.93 3.31
N PHE A 312 -6.98 1.73 3.62
CA PHE A 312 -6.14 0.99 2.69
C PHE A 312 -6.97 0.03 1.82
N GLY A 313 -8.25 -0.09 2.15
CA GLY A 313 -9.17 -0.97 1.41
C GLY A 313 -8.67 -2.41 1.49
N ILE A 314 -8.67 -3.08 0.35
CA ILE A 314 -8.13 -4.44 0.20
C ILE A 314 -7.04 -4.43 -0.86
N PRO A 315 -6.12 -5.43 -0.82
CA PRO A 315 -5.08 -5.53 -1.84
C PRO A 315 -5.76 -5.77 -3.17
N VAL A 316 -5.55 -4.87 -4.12
CA VAL A 316 -6.34 -4.86 -5.35
C VAL A 316 -5.90 -5.98 -6.31
N ALA A 317 -6.78 -6.32 -7.24
CA ALA A 317 -6.47 -7.33 -8.27
C ALA A 317 -5.26 -6.91 -9.09
N ASP A 318 -4.53 -7.90 -9.61
CA ASP A 318 -3.42 -7.57 -10.51
C ASP A 318 -3.85 -6.90 -11.80
N GLY A 319 -2.94 -6.15 -12.41
CA GLY A 319 -3.26 -5.35 -13.58
C GLY A 319 -3.40 -3.89 -13.19
N VAL A 320 -4.24 -3.16 -13.93
CA VAL A 320 -4.51 -1.76 -13.63
C VAL A 320 -5.29 -1.63 -12.31
N THR A 321 -4.93 -0.62 -11.52
CA THR A 321 -5.65 -0.30 -10.29
C THR A 321 -7.06 0.22 -10.59
N PRO A 322 -8.01 0.02 -9.65
CA PRO A 322 -9.34 0.57 -9.83
C PRO A 322 -9.44 2.05 -9.47
N VAL A 323 -10.58 2.66 -9.82
CA VAL A 323 -10.82 4.07 -9.56
C VAL A 323 -12.17 4.23 -8.84
N ARG A 324 -12.41 5.45 -8.34
CA ARG A 324 -13.68 5.77 -7.72
C ARG A 324 -14.40 6.80 -8.56
N PHE A 325 -15.72 6.68 -8.65
CA PHE A 325 -16.54 7.60 -9.43
C PHE A 325 -17.43 8.46 -8.54
N SER A 326 -17.21 9.79 -8.57
CA SER A 326 -18.02 10.70 -7.79
C SER A 326 -19.08 11.39 -8.67
N SER A 327 -20.16 11.84 -8.04
CA SER A 327 -21.27 12.48 -8.73
C SER A 327 -20.94 13.94 -9.05
N TYR A 328 -21.35 14.37 -10.24
CA TYR A 328 -21.22 15.78 -10.64
C TYR A 328 -21.91 16.72 -9.66
N ASN A 329 -23.19 16.47 -9.37
CA ASN A 329 -23.98 17.34 -8.50
C ASN A 329 -23.89 17.03 -7.00
N TYR A 330 -23.30 15.89 -6.66
CA TYR A 330 -23.04 15.54 -5.26
C TYR A 330 -21.61 15.06 -5.17
N PRO A 331 -20.67 16.02 -5.15
CA PRO A 331 -19.23 15.76 -5.29
C PRO A 331 -18.65 14.78 -4.26
N ASP A 332 -19.28 14.64 -3.10
CA ASP A 332 -18.75 13.78 -2.07
C ASP A 332 -19.39 12.41 -2.04
N ARG A 333 -20.32 12.19 -2.97
CA ARG A 333 -21.00 10.91 -3.06
C ARG A 333 -20.39 10.12 -4.21
N TYR A 334 -20.04 8.87 -3.92
CA TYR A 334 -19.42 7.96 -4.87
C TYR A 334 -20.30 6.78 -5.22
N ILE A 335 -20.16 6.28 -6.45
CA ILE A 335 -20.83 5.06 -6.87
C ILE A 335 -20.31 3.94 -5.96
N ARG A 336 -21.21 3.24 -5.27
CA ARG A 336 -20.83 2.10 -4.44
C ARG A 336 -21.94 1.04 -4.47
N HIS A 337 -21.59 -0.20 -4.15
CA HIS A 337 -22.63 -1.22 -4.00
C HIS A 337 -22.88 -1.58 -2.54
N TRP A 338 -24.14 -1.88 -2.23
CA TRP A 338 -24.55 -2.40 -0.93
C TRP A 338 -25.67 -3.43 -1.15
N ASP A 339 -25.48 -4.64 -0.60
CA ASP A 339 -26.32 -5.82 -0.94
C ASP A 339 -26.38 -5.99 -2.46
N PHE A 340 -25.27 -5.67 -3.12
CA PHE A 340 -25.13 -5.69 -4.56
C PHE A 340 -25.93 -4.69 -5.39
N ARG A 341 -26.68 -3.79 -4.75
CA ARG A 341 -27.39 -2.71 -5.46
C ARG A 341 -26.51 -1.46 -5.55
N ALA A 342 -26.44 -0.85 -6.73
CA ALA A 342 -25.57 0.33 -6.94
C ALA A 342 -26.27 1.63 -6.58
N ARG A 343 -25.53 2.51 -5.90
CA ARG A 343 -26.08 3.77 -5.46
C ARG A 343 -24.96 4.78 -5.40
N ILE A 344 -25.28 6.07 -5.20
CA ILE A 344 -24.24 7.02 -4.77
C ILE A 344 -24.34 7.30 -3.27
N GLU A 345 -23.18 7.44 -2.61
CA GLU A 345 -23.17 7.61 -1.18
C GLU A 345 -21.84 8.22 -0.75
N ALA A 346 -21.91 9.09 0.26
CA ALA A 346 -20.71 9.74 0.84
C ALA A 346 -20.15 8.92 2.00
N ASN A 347 -18.88 9.18 2.32
CA ASN A 347 -18.24 8.57 3.48
C ASN A 347 -18.33 7.04 3.51
N VAL A 348 -17.87 6.44 2.42
CA VAL A 348 -17.89 4.99 2.25
C VAL A 348 -16.79 4.36 3.12
N THR A 349 -17.20 3.66 4.17
CA THR A 349 -16.29 3.02 5.13
C THR A 349 -15.66 1.77 4.52
N ASN A 350 -16.51 0.95 3.88
CA ASN A 350 -16.02 -0.21 3.15
C ASN A 350 -15.54 0.21 1.76
N LEU A 351 -14.32 0.73 1.72
CA LEU A 351 -13.81 1.46 0.56
C LEU A 351 -13.98 0.71 -0.77
N ALA A 352 -13.70 -0.59 -0.78
CA ALA A 352 -13.68 -1.36 -2.01
C ALA A 352 -15.07 -1.50 -2.67
N ASP A 353 -16.13 -1.29 -1.89
CA ASP A 353 -17.48 -1.21 -2.47
C ASP A 353 -17.61 -0.04 -3.44
N SER A 354 -16.66 0.91 -3.38
CA SER A 354 -16.73 2.11 -4.20
C SER A 354 -15.61 2.20 -5.23
N GLN A 355 -14.94 1.07 -5.47
CA GLN A 355 -13.84 0.99 -6.42
C GLN A 355 -14.19 0.06 -7.56
N PHE A 356 -13.92 0.54 -8.78
CA PHE A 356 -14.22 -0.18 -10.02
C PHE A 356 -13.08 0.07 -10.99
N ARG A 357 -12.75 -0.92 -11.81
CA ARG A 357 -11.85 -0.58 -12.92
C ARG A 357 -12.51 -0.69 -14.27
N VAL A 358 -12.20 0.28 -15.12
CA VAL A 358 -12.70 0.36 -16.47
C VAL A 358 -11.88 -0.60 -17.33
N VAL A 359 -12.57 -1.54 -17.95
CA VAL A 359 -11.94 -2.56 -18.79
C VAL A 359 -12.62 -2.56 -20.16
N THR A 360 -11.98 -3.19 -21.15
CA THR A 360 -12.62 -3.32 -22.47
C THR A 360 -14.04 -3.92 -22.30
N GLY A 361 -15.00 -3.34 -23.00
CA GLY A 361 -16.41 -3.72 -22.84
C GLY A 361 -16.65 -5.17 -23.17
N LEU A 362 -17.48 -5.83 -22.35
CA LEU A 362 -17.77 -7.24 -22.55
C LEU A 362 -18.50 -7.47 -23.87
N ALA A 363 -19.18 -6.45 -24.38
CA ALA A 363 -19.91 -6.57 -25.65
C ALA A 363 -19.10 -6.10 -26.85
N GLY A 364 -17.87 -5.66 -26.61
CA GLY A 364 -16.98 -5.19 -27.68
C GLY A 364 -17.45 -3.92 -28.37
N SER A 365 -17.11 -3.79 -29.65
CA SER A 365 -17.40 -2.59 -30.44
C SER A 365 -16.92 -1.30 -29.79
N GLY A 366 -15.81 -1.37 -29.05
CA GLY A 366 -15.25 -0.19 -28.37
C GLY A 366 -16.01 0.30 -27.14
N THR A 367 -16.94 -0.52 -26.64
CA THR A 367 -17.60 -0.21 -25.37
C THR A 367 -16.65 -0.47 -24.19
N ILE A 368 -17.08 -0.10 -22.99
CA ILE A 368 -16.33 -0.37 -21.76
C ILE A 368 -17.25 -1.05 -20.75
N SER A 369 -16.64 -1.75 -19.80
CA SER A 369 -17.36 -2.34 -18.67
C SER A 369 -16.65 -1.92 -17.39
N LEU A 370 -17.36 -1.99 -16.27
CA LEU A 370 -16.88 -1.50 -14.97
C LEU A 370 -16.86 -2.66 -13.98
N GLU A 371 -15.66 -3.19 -13.73
CA GLU A 371 -15.51 -4.37 -12.89
C GLU A 371 -15.32 -3.97 -11.42
N SER A 372 -16.01 -4.68 -10.53
CA SER A 372 -15.89 -4.43 -9.08
C SER A 372 -14.50 -4.81 -8.54
N ALA A 373 -13.95 -3.95 -7.68
CA ALA A 373 -12.64 -4.20 -7.07
C ALA A 373 -12.66 -5.34 -6.08
N ASN A 374 -13.70 -5.41 -5.24
CA ASN A 374 -13.77 -6.45 -4.22
C ASN A 374 -14.49 -7.72 -4.66
N TYR A 375 -15.17 -7.65 -5.81
CA TYR A 375 -15.80 -8.82 -6.42
C TYR A 375 -15.33 -8.95 -7.88
N PRO A 376 -14.07 -9.38 -8.10
CA PRO A 376 -13.59 -9.50 -9.47
C PRO A 376 -14.51 -10.43 -10.28
N GLY A 377 -14.63 -10.16 -11.57
CA GLY A 377 -15.61 -10.88 -12.40
C GLY A 377 -17.07 -10.53 -12.13
N TYR A 378 -17.33 -9.55 -11.25
CA TYR A 378 -18.66 -8.96 -11.12
C TYR A 378 -18.58 -7.57 -11.69
N TYR A 379 -19.67 -7.10 -12.28
CA TYR A 379 -19.66 -5.85 -13.03
C TYR A 379 -20.90 -5.04 -12.71
N LEU A 380 -20.81 -3.73 -12.93
CA LEU A 380 -22.00 -2.90 -12.94
C LEU A 380 -22.79 -3.26 -14.19
N ARG A 381 -24.03 -3.64 -13.97
CA ARG A 381 -24.92 -4.10 -15.04
C ARG A 381 -26.33 -3.68 -14.67
N HIS A 382 -27.16 -3.48 -15.69
CA HIS A 382 -28.55 -3.16 -15.43
C HIS A 382 -29.48 -4.33 -15.69
N LYS A 383 -30.57 -4.33 -14.95
CA LYS A 383 -31.65 -5.29 -15.14
C LYS A 383 -32.91 -4.55 -14.70
N ASN A 384 -33.94 -4.58 -15.55
CA ASN A 384 -35.13 -3.72 -15.38
C ASN A 384 -34.78 -2.25 -15.19
N TYR A 385 -33.75 -1.83 -15.90
CA TYR A 385 -33.24 -0.45 -15.87
C TYR A 385 -32.60 -0.02 -14.54
N GLU A 386 -32.45 -0.96 -13.61
CA GLU A 386 -31.81 -0.69 -12.31
C GLU A 386 -30.42 -1.27 -12.33
N VAL A 387 -29.49 -0.65 -11.61
CA VAL A 387 -28.08 -1.03 -11.66
C VAL A 387 -27.66 -1.81 -10.42
N TRP A 388 -27.06 -2.95 -10.67
CA TRP A 388 -26.61 -3.88 -9.65
C TRP A 388 -25.17 -4.24 -9.97
N VAL A 389 -24.48 -4.84 -9.01
CA VAL A 389 -23.16 -5.40 -9.24
C VAL A 389 -23.32 -6.91 -9.21
N GLU A 390 -23.11 -7.55 -10.36
CA GLU A 390 -23.43 -8.96 -10.48
C GLU A 390 -22.40 -9.71 -11.27
N LYS A 391 -22.34 -11.01 -10.99
CA LYS A 391 -21.30 -11.87 -11.50
C LYS A 391 -21.52 -12.19 -12.96
N ASN A 392 -20.48 -11.99 -13.77
CA ASN A 392 -20.53 -12.39 -15.17
C ASN A 392 -20.74 -13.91 -15.28
N ASP A 393 -21.85 -14.32 -15.90
CA ASP A 393 -22.14 -15.75 -16.01
C ASP A 393 -21.79 -16.32 -17.39
N GLY A 394 -21.26 -15.47 -18.26
CA GLY A 394 -20.83 -15.90 -19.60
C GLY A 394 -21.90 -15.74 -20.65
N SER A 395 -23.10 -15.34 -20.22
CA SER A 395 -24.23 -15.14 -21.13
C SER A 395 -24.07 -13.89 -22.00
N SER A 396 -24.65 -13.92 -23.19
CA SER A 396 -24.67 -12.77 -24.09
C SER A 396 -25.45 -11.62 -23.49
N ALA A 397 -26.55 -11.94 -22.81
CA ALA A 397 -27.36 -10.97 -22.10
C ALA A 397 -26.53 -10.17 -21.07
N PHE A 398 -25.68 -10.88 -20.31
CA PHE A 398 -24.87 -10.18 -19.32
C PHE A 398 -23.90 -9.20 -19.98
N LYS A 399 -23.21 -9.64 -21.02
CA LYS A 399 -22.28 -8.79 -21.76
C LYS A 399 -22.92 -7.48 -22.16
N ASN A 400 -24.13 -7.59 -22.73
CA ASN A 400 -24.84 -6.43 -23.22
C ASN A 400 -25.27 -5.51 -22.10
N ASP A 401 -25.77 -6.10 -21.01
CA ASP A 401 -26.18 -5.37 -19.82
C ASP A 401 -25.04 -4.71 -19.05
N ALA A 402 -23.81 -5.12 -19.32
CA ALA A 402 -22.64 -4.64 -18.54
C ALA A 402 -21.71 -3.84 -19.42
N SER A 403 -22.18 -3.44 -20.60
CA SER A 403 -21.36 -2.70 -21.54
C SER A 403 -21.91 -1.31 -21.79
N PHE A 404 -21.02 -0.33 -21.81
CA PHE A 404 -21.44 1.05 -21.95
C PHE A 404 -20.57 1.78 -22.96
N SER A 405 -21.15 2.78 -23.63
CA SER A 405 -20.32 3.65 -24.44
C SER A 405 -19.90 4.82 -23.56
N ARG A 406 -18.59 4.95 -23.34
CA ARG A 406 -18.05 6.11 -22.61
C ARG A 406 -18.32 7.39 -23.41
N ARG A 407 -19.03 8.32 -22.78
CA ARG A 407 -19.32 9.62 -23.34
C ARG A 407 -18.70 10.72 -22.49
N ALA A 408 -18.38 11.84 -23.12
CA ALA A 408 -18.05 13.05 -22.38
C ALA A 408 -19.24 13.39 -21.48
N GLY A 409 -18.95 13.89 -20.28
CA GLY A 409 -19.97 14.28 -19.31
C GLY A 409 -21.06 15.18 -19.87
N LEU A 410 -22.30 14.88 -19.52
CA LEU A 410 -23.44 15.62 -20.04
C LEU A 410 -23.56 17.02 -19.42
N ALA A 411 -23.05 17.18 -18.21
CA ALA A 411 -23.00 18.50 -17.55
C ALA A 411 -21.57 19.09 -17.47
N ASP A 412 -20.57 18.33 -17.94
CA ASP A 412 -19.16 18.75 -18.02
C ASP A 412 -18.43 17.92 -19.07
N SER A 413 -18.33 18.43 -20.29
CA SER A 413 -17.73 17.69 -21.41
C SER A 413 -16.22 17.49 -21.31
N ALA A 414 -15.51 18.47 -20.77
CA ALA A 414 -14.04 18.41 -20.72
C ALA A 414 -13.49 17.40 -19.69
N ASP A 415 -14.01 17.46 -18.46
CA ASP A 415 -13.48 16.61 -17.38
C ASP A 415 -14.45 15.51 -16.92
N GLY A 416 -15.74 15.67 -17.21
CA GLY A 416 -16.75 14.73 -16.75
C GLY A 416 -16.83 13.47 -17.60
N ILE A 417 -17.53 12.46 -17.07
CA ILE A 417 -17.76 11.23 -17.80
C ILE A 417 -19.21 10.79 -17.67
N ALA A 418 -19.75 10.23 -18.76
CA ALA A 418 -21.10 9.68 -18.76
C ALA A 418 -21.06 8.30 -19.38
N PHE A 419 -22.02 7.46 -19.02
CA PHE A 419 -22.04 6.07 -19.47
C PHE A 419 -23.38 5.74 -20.17
N GLU A 420 -23.34 5.63 -21.49
CA GLU A 420 -24.58 5.37 -22.24
C GLU A 420 -24.71 3.86 -22.38
N SER A 421 -25.89 3.34 -22.08
CA SER A 421 -26.14 1.91 -22.27
C SER A 421 -25.93 1.51 -23.72
N TYR A 422 -25.23 0.38 -23.90
CA TYR A 422 -25.01 -0.22 -25.22
C TYR A 422 -26.32 -0.82 -25.82
N ASN A 423 -27.03 -1.63 -25.04
CA ASN A 423 -28.26 -2.26 -25.55
C ASN A 423 -29.49 -1.40 -25.47
N TYR A 424 -29.39 -0.29 -24.74
CA TYR A 424 -30.46 0.70 -24.67
C TYR A 424 -29.95 2.11 -24.96
N PRO A 425 -29.64 2.38 -26.23
CA PRO A 425 -29.18 3.71 -26.66
C PRO A 425 -30.10 4.80 -26.14
N GLY A 426 -29.53 5.93 -25.76
CA GLY A 426 -30.34 7.02 -25.23
C GLY A 426 -30.57 6.93 -23.74
N ARG A 427 -30.30 5.75 -23.16
CA ARG A 427 -30.34 5.61 -21.69
C ARG A 427 -28.93 5.72 -21.11
N TYR A 428 -28.80 6.54 -20.07
CA TYR A 428 -27.53 6.75 -19.37
C TYR A 428 -27.58 6.25 -17.94
N LEU A 429 -26.42 5.81 -17.44
CA LEU A 429 -26.26 5.58 -16.00
C LEU A 429 -26.50 6.91 -15.30
N ARG A 430 -27.45 6.93 -14.37
CA ARG A 430 -27.78 8.13 -13.62
C ARG A 430 -28.29 7.79 -12.25
N HIS A 431 -28.07 8.70 -11.30
CA HIS A 431 -28.61 8.50 -9.98
C HIS A 431 -29.97 9.17 -9.83
N TYR A 432 -30.82 8.53 -9.03
CA TYR A 432 -32.11 9.09 -8.74
C TYR A 432 -32.52 8.56 -7.41
N GLU A 433 -32.79 9.47 -6.46
CA GLU A 433 -32.99 9.11 -5.06
C GLU A 433 -31.80 8.29 -4.55
N ASN A 434 -30.62 8.66 -5.04
CA ASN A 434 -29.33 8.04 -4.73
C ASN A 434 -29.09 6.68 -5.37
N LEU A 435 -30.15 5.99 -5.77
CA LEU A 435 -30.01 4.71 -6.47
C LEU A 435 -29.60 4.90 -7.92
N LEU A 436 -28.79 3.99 -8.44
CA LEU A 436 -28.34 4.09 -9.84
C LEU A 436 -29.28 3.34 -10.77
N ARG A 437 -29.56 3.97 -11.91
CA ARG A 437 -30.40 3.36 -12.95
C ARG A 437 -29.93 3.74 -14.34
N ILE A 438 -30.57 3.20 -15.38
CA ILE A 438 -30.31 3.70 -16.74
C ILE A 438 -31.61 4.28 -17.26
N GLN A 439 -31.57 5.58 -17.53
CA GLN A 439 -32.76 6.33 -17.90
C GLN A 439 -32.43 7.35 -18.97
N PRO A 440 -33.44 7.76 -19.77
CA PRO A 440 -33.17 8.82 -20.72
C PRO A 440 -32.89 10.16 -20.02
N VAL A 441 -32.16 11.03 -20.71
CA VAL A 441 -31.68 12.29 -20.18
C VAL A 441 -32.22 13.45 -21.02
N SER A 442 -33.09 14.26 -20.41
CA SER A 442 -33.67 15.40 -21.14
C SER A 442 -33.45 16.79 -20.52
N THR A 443 -33.54 16.89 -19.18
CA THR A 443 -33.39 18.19 -18.50
C THR A 443 -31.95 18.49 -18.08
N ALA A 444 -31.69 19.74 -17.70
CA ALA A 444 -30.38 20.11 -17.14
C ALA A 444 -30.03 19.26 -15.93
N LEU A 445 -30.98 19.07 -15.03
CA LEU A 445 -30.77 18.21 -13.87
C LEU A 445 -30.44 16.76 -14.26
N ASP A 446 -31.23 16.15 -15.15
CA ASP A 446 -30.91 14.82 -15.70
C ASP A 446 -29.47 14.69 -16.13
N ARG A 447 -28.98 15.71 -16.86
CA ARG A 447 -27.62 15.69 -17.36
C ARG A 447 -26.61 15.69 -16.21
N GLN A 448 -26.92 16.42 -15.14
CA GLN A 448 -26.07 16.42 -13.93
C GLN A 448 -26.13 15.06 -13.24
N ASP A 449 -27.33 14.47 -13.16
CA ASP A 449 -27.51 13.15 -12.52
C ASP A 449 -26.80 12.04 -13.26
N ALA A 450 -26.44 12.29 -14.52
CA ALA A 450 -25.76 11.31 -15.38
C ALA A 450 -24.29 11.62 -15.64
N THR A 451 -23.72 12.58 -14.90
CA THR A 451 -22.32 12.94 -15.06
C THR A 451 -21.54 12.59 -13.81
N PHE A 452 -20.37 11.99 -14.02
CA PHE A 452 -19.52 11.55 -12.93
C PHE A 452 -18.09 11.99 -13.19
N TYR A 453 -17.25 11.89 -12.17
CA TYR A 453 -15.81 12.09 -12.31
C TYR A 453 -15.03 10.86 -11.89
N ALA A 454 -13.98 10.53 -12.63
CA ALA A 454 -13.08 9.44 -12.26
C ALA A 454 -11.87 10.02 -11.56
N GLU A 455 -11.59 9.53 -10.35
CA GLU A 455 -10.44 9.97 -9.52
C GLU A 455 -10.35 11.49 -9.31
N LYS A 456 -11.39 12.05 -8.70
CA LYS A 456 -11.44 13.48 -8.37
C LYS A 456 -12.10 13.74 -7.00
O5 AHR B . -22.64 -5.97 3.08
C5 AHR B . -24.00 -6.41 3.22
C4 AHR B . -24.23 -6.50 4.70
O4 AHR B . -23.59 -7.68 5.24
C3 AHR B . -25.71 -6.74 4.94
O3 AHR B . -26.46 -5.53 4.85
C2 AHR B . -25.68 -7.19 6.40
O2 AHR B . -26.81 -8.02 6.67
C1 AHR B . -24.36 -7.98 6.48
O1 AHR B . -23.66 -7.54 7.65
O5 AHR B . -22.85 -5.14 -2.04
C5 AHR B . -22.43 -6.38 -1.46
C4 AHR B . -21.91 -6.20 -0.02
O4 AHR B . -23.04 -5.79 0.78
C3 AHR B . -20.89 -5.08 0.18
O3 AHR B . -19.56 -5.53 -0.16
C2 AHR B . -21.01 -4.91 1.71
O2 AHR B . -20.55 -3.59 2.16
C1 AHR B . -22.51 -5.10 1.95
CL CL C . -19.86 1.89 4.19
NA NA D . 10.51 -0.89 6.53
O5 AHR E . 11.73 -12.28 8.66
C5 AHR E . 10.71 -12.34 9.66
C4 AHR E . 11.15 -13.24 10.81
O4 AHR E . 11.37 -14.61 10.33
C3 AHR E . 10.01 -13.28 11.82
O3 AHR E . 10.55 -13.11 13.14
C2 AHR E . 9.37 -14.66 11.63
O2 AHR E . 8.36 -14.66 10.61
C1 AHR E . 10.53 -15.51 11.13
O1 AHR E . 11.25 -16.03 12.27
O5 AHR F . -30.03 11.00 -6.42
C5 AHR F . -30.37 12.17 -5.67
C4 AHR F . -31.43 13.01 -6.45
O4 AHR F . -32.71 12.29 -6.54
C3 AHR F . -31.11 13.29 -7.92
O3 AHR F . -30.18 14.37 -8.08
C2 AHR F . -32.47 13.77 -8.41
O2 AHR F . -32.58 13.46 -9.80
C1 AHR F . -33.48 12.97 -7.55
O1 AHR F . -34.52 13.84 -6.95
C1 GOL G . 12.48 -10.31 5.71
O1 GOL G . 11.68 -10.40 4.53
C2 GOL G . 11.67 -9.88 6.94
O2 GOL G . 10.44 -10.57 7.01
C3 GOL G . 11.42 -8.37 6.97
O3 GOL G . 10.60 -8.05 8.09
C1 GOL H . -33.14 -3.61 -19.05
O1 GOL H . -32.42 -3.35 -17.86
C2 GOL H . -33.31 -5.12 -19.23
O2 GOL H . -34.01 -5.63 -18.10
C3 GOL H . -31.97 -5.85 -19.27
O3 GOL H . -31.31 -5.64 -20.51
#